data_1OLN
#
_entry.id   1OLN
#
_cell.length_a   1.000
_cell.length_b   1.000
_cell.length_c   1.000
_cell.angle_alpha   90.00
_cell.angle_beta   90.00
_cell.angle_gamma   90.00
#
_symmetry.space_group_name_H-M   'P 1'
#
loop_
_entity.id
_entity.type
_entity.pdbx_description
1 polymer '50S RIBOSOMAL PROTEIN L11'
2 polymer THIOSTREPTON
3 polymer RNA
#
loop_
_entity_poly.entity_id
_entity_poly.type
_entity_poly.pdbx_seq_one_letter_code
_entity_poly.pdbx_strand_id
1 'polypeptide(L)'
;AKKVAAQIKLQLPAGKATPAPPVGPALGQHGVNIMEFCKRFNAETADKAGMILPVVITVYEDKSFTFIIKTPPASFLLKK
AAGIEKGSSEPKRKIVGKVTRKQIEEIAKTKMPDLNANSLEAAMKIIEGTAKSMGIEVVD
;
A
2 'polypeptide(L)' (QUA)IA(DHA)AS(BB9)T(DBU)(DCY)(TS9)(BB9)T(BB9)(MH6)(BB9)(DHA)(DHA)(NH2) B
3 'polyribonucleotide' GCUGGGAUGUUGGCUUAGAAGCAGCCAUCAUUUAAAGAGUGCGUAACAGCUCACCAGC C
#
# COMPACT_ATOMS: atom_id res chain seq x y z
N GLN A 7 -7.50 -10.15 -13.37
CA GLN A 7 -7.17 -8.90 -12.62
C GLN A 7 -6.43 -9.19 -11.32
N ILE A 8 -5.16 -8.78 -11.25
CA ILE A 8 -4.34 -9.00 -10.06
C ILE A 8 -4.06 -7.69 -9.34
N LYS A 9 -3.78 -7.78 -8.05
CA LYS A 9 -3.47 -6.60 -7.24
C LYS A 9 -2.31 -6.91 -6.31
N LEU A 10 -1.49 -5.90 -6.06
CA LEU A 10 -0.34 -6.05 -5.18
C LEU A 10 0.15 -4.68 -4.71
N GLN A 11 1.04 -4.69 -3.72
CA GLN A 11 1.59 -3.45 -3.19
C GLN A 11 3.09 -3.37 -3.48
N LEU A 12 3.44 -2.69 -4.57
CA LEU A 12 4.83 -2.55 -4.96
C LEU A 12 5.42 -1.22 -4.52
N PRO A 13 6.69 -1.22 -4.06
CA PRO A 13 7.35 0.01 -3.62
C PRO A 13 7.45 1.01 -4.76
N ALA A 14 7.57 2.28 -4.41
CA ALA A 14 7.65 3.37 -5.39
C ALA A 14 8.48 3.05 -6.64
N GLY A 15 9.73 3.50 -6.65
CA GLY A 15 10.59 3.26 -7.80
C GLY A 15 11.38 1.97 -7.72
N LYS A 16 10.70 0.85 -8.01
CA LYS A 16 11.33 -0.47 -7.98
C LYS A 16 10.36 -1.55 -8.44
N ALA A 17 10.86 -2.51 -9.20
CA ALA A 17 10.05 -3.62 -9.71
C ALA A 17 10.94 -4.64 -10.42
N THR A 18 10.33 -5.73 -10.91
CA THR A 18 11.02 -6.80 -11.64
C THR A 18 11.49 -8.04 -10.86
N PRO A 19 11.73 -7.91 -9.54
CA PRO A 19 12.19 -9.11 -8.82
C PRO A 19 11.26 -10.32 -8.95
N ALA A 20 11.85 -11.51 -8.96
CA ALA A 20 11.06 -12.73 -9.08
C ALA A 20 10.21 -12.94 -7.83
N PRO A 21 10.84 -13.08 -6.66
CA PRO A 21 10.03 -13.30 -5.45
C PRO A 21 8.88 -12.29 -5.25
N PRO A 22 9.19 -10.97 -5.22
CA PRO A 22 8.14 -9.96 -5.04
C PRO A 22 7.09 -9.89 -6.16
N VAL A 23 7.52 -9.51 -7.36
CA VAL A 23 6.60 -9.39 -8.51
C VAL A 23 6.55 -10.66 -9.36
N GLY A 24 7.39 -10.68 -10.40
CA GLY A 24 7.47 -11.81 -11.31
C GLY A 24 6.40 -12.88 -11.17
N PRO A 25 6.76 -14.04 -10.57
CA PRO A 25 5.85 -15.18 -10.35
C PRO A 25 4.39 -14.80 -10.20
N ALA A 26 4.12 -13.87 -9.29
CA ALA A 26 2.75 -13.41 -9.01
C ALA A 26 1.88 -13.26 -10.26
N LEU A 27 1.90 -12.08 -10.86
CA LEU A 27 1.11 -11.82 -12.05
C LEU A 27 1.78 -12.44 -13.28
N GLY A 28 3.06 -12.77 -13.14
CA GLY A 28 3.78 -13.38 -14.24
C GLY A 28 3.18 -14.71 -14.61
N GLN A 29 2.30 -15.23 -13.77
CA GLN A 29 1.65 -16.51 -14.02
C GLN A 29 0.20 -16.34 -14.48
N HIS A 30 -0.19 -15.10 -14.73
CA HIS A 30 -1.55 -14.81 -15.19
C HIS A 30 -1.50 -14.44 -16.67
N GLY A 31 -0.31 -14.12 -17.15
CA GLY A 31 -0.13 -13.75 -18.55
C GLY A 31 0.68 -12.49 -18.73
N VAL A 32 0.72 -11.67 -17.68
CA VAL A 32 1.45 -10.40 -17.70
C VAL A 32 2.91 -10.52 -18.11
N ASN A 33 3.41 -9.50 -18.80
CA ASN A 33 4.80 -9.46 -19.24
C ASN A 33 5.57 -8.51 -18.31
N ILE A 34 6.12 -9.08 -17.24
CA ILE A 34 6.87 -8.33 -16.23
C ILE A 34 7.55 -7.05 -16.72
N MET A 35 8.65 -7.21 -17.48
CA MET A 35 9.41 -6.07 -18.01
C MET A 35 8.61 -4.81 -18.32
N GLU A 36 7.53 -4.96 -19.08
CA GLU A 36 6.68 -3.84 -19.46
C GLU A 36 6.07 -3.14 -18.25
N PHE A 37 5.66 -3.92 -17.26
CA PHE A 37 5.06 -3.37 -16.03
C PHE A 37 6.11 -2.68 -15.15
N CYS A 38 7.24 -3.35 -14.92
CA CYS A 38 8.30 -2.79 -14.10
C CYS A 38 8.65 -1.36 -14.50
N LYS A 39 9.00 -1.19 -15.77
CA LYS A 39 9.35 0.13 -16.29
C LYS A 39 8.13 1.06 -16.27
N ARG A 40 6.98 0.53 -16.65
CA ARG A 40 5.73 1.30 -16.66
C ARG A 40 5.36 1.76 -15.24
N PHE A 41 5.27 0.80 -14.33
CA PHE A 41 4.93 1.09 -12.94
C PHE A 41 5.90 2.14 -12.42
N ASN A 42 7.18 1.78 -12.42
CA ASN A 42 8.23 2.68 -11.94
C ASN A 42 8.26 4.02 -12.65
N ALA A 43 7.49 4.14 -13.73
CA ALA A 43 7.44 5.39 -14.48
C ALA A 43 6.70 6.45 -13.69
N GLU A 44 5.39 6.26 -13.51
CA GLU A 44 4.56 7.22 -12.79
C GLU A 44 4.79 7.16 -11.28
N THR A 45 5.31 6.04 -10.78
CA THR A 45 5.58 5.92 -9.37
C THR A 45 6.83 6.73 -9.01
N ALA A 46 7.18 7.65 -9.92
CA ALA A 46 8.33 8.53 -9.74
C ALA A 46 7.84 9.74 -8.97
N ASP A 47 6.68 10.25 -9.36
CA ASP A 47 6.09 11.42 -8.70
C ASP A 47 6.08 11.17 -7.19
N LYS A 48 5.72 9.95 -6.79
CA LYS A 48 5.67 9.56 -5.39
C LYS A 48 6.65 8.39 -5.16
N ALA A 49 7.87 8.71 -4.74
CA ALA A 49 8.89 7.70 -4.51
C ALA A 49 9.23 7.51 -3.04
N GLY A 50 9.63 6.29 -2.69
CA GLY A 50 10.00 5.97 -1.32
C GLY A 50 8.89 5.24 -0.60
N MET A 51 7.65 5.54 -0.97
CA MET A 51 6.49 4.92 -0.34
C MET A 51 6.03 3.66 -1.05
N ILE A 52 5.35 2.79 -0.29
CA ILE A 52 4.82 1.55 -0.82
C ILE A 52 3.42 1.84 -1.30
N LEU A 53 3.20 1.77 -2.61
CA LEU A 53 1.88 2.04 -3.16
C LEU A 53 1.24 0.82 -3.82
N PRO A 54 -0.05 0.57 -3.53
CA PRO A 54 -0.79 -0.57 -4.10
C PRO A 54 -1.33 -0.27 -5.49
N VAL A 55 -1.08 -1.18 -6.43
CA VAL A 55 -1.55 -1.02 -7.79
C VAL A 55 -2.45 -2.20 -8.17
N VAL A 56 -3.47 -1.93 -8.98
CA VAL A 56 -4.39 -2.98 -9.41
C VAL A 56 -4.19 -3.24 -10.89
N ILE A 57 -3.43 -4.29 -11.19
CA ILE A 57 -3.14 -4.69 -12.56
C ILE A 57 -4.34 -5.44 -13.14
N THR A 58 -4.63 -5.17 -14.40
CA THR A 58 -5.74 -5.84 -15.09
C THR A 58 -5.21 -6.40 -16.41
N VAL A 59 -5.32 -7.71 -16.59
CA VAL A 59 -4.85 -8.37 -17.80
C VAL A 59 -5.99 -8.83 -18.70
N TYR A 60 -5.96 -8.36 -19.95
CA TYR A 60 -6.97 -8.70 -20.94
C TYR A 60 -6.61 -9.99 -21.65
N GLU A 61 -7.63 -10.71 -22.13
CA GLU A 61 -7.44 -11.99 -22.82
C GLU A 61 -6.17 -12.06 -23.68
N ASP A 62 -5.80 -10.93 -24.29
CA ASP A 62 -4.61 -10.89 -25.13
C ASP A 62 -3.29 -10.68 -24.37
N LYS A 63 -3.28 -10.99 -23.09
CA LYS A 63 -2.10 -10.85 -22.24
C LYS A 63 -1.67 -9.40 -21.98
N SER A 64 -2.29 -8.45 -22.68
CA SER A 64 -1.96 -7.04 -22.49
C SER A 64 -2.51 -6.63 -21.13
N PHE A 65 -2.18 -5.43 -20.67
CA PHE A 65 -2.65 -4.99 -19.36
C PHE A 65 -2.58 -3.49 -19.08
N THR A 66 -3.30 -3.08 -18.04
CA THR A 66 -3.33 -1.70 -17.57
C THR A 66 -3.32 -1.84 -16.05
N PHE A 67 -3.18 -0.73 -15.34
CA PHE A 67 -3.16 -0.79 -13.89
C PHE A 67 -3.34 0.57 -13.27
N ILE A 68 -4.15 0.61 -12.22
CA ILE A 68 -4.41 1.87 -11.52
C ILE A 68 -3.54 1.91 -10.27
N ILE A 69 -2.93 3.07 -10.02
CA ILE A 69 -2.08 3.25 -8.86
C ILE A 69 -2.87 4.02 -7.80
N LYS A 70 -2.97 3.44 -6.60
CA LYS A 70 -3.71 4.06 -5.51
C LYS A 70 -2.78 4.64 -4.46
N THR A 71 -3.38 5.21 -3.43
CA THR A 71 -2.64 5.79 -2.32
C THR A 71 -2.12 4.66 -1.44
N PRO A 72 -0.95 4.84 -0.81
CA PRO A 72 -0.38 3.80 0.06
C PRO A 72 -1.31 3.37 1.18
N PRO A 73 -1.20 2.11 1.61
CA PRO A 73 -2.06 1.58 2.69
C PRO A 73 -2.06 2.47 3.94
N ALA A 74 -3.12 2.36 4.73
CA ALA A 74 -3.24 3.15 5.94
C ALA A 74 -2.16 2.69 6.89
N SER A 75 -2.09 1.37 7.11
CA SER A 75 -1.09 0.81 8.00
C SER A 75 0.29 1.34 7.65
N PHE A 76 0.60 1.42 6.36
CA PHE A 76 1.90 1.91 5.91
C PHE A 76 2.12 3.37 6.30
N LEU A 77 1.21 4.24 5.87
CA LEU A 77 1.32 5.65 6.20
C LEU A 77 1.46 5.81 7.72
N LEU A 78 0.65 5.05 8.46
CA LEU A 78 0.67 5.09 9.93
C LEU A 78 2.04 4.72 10.46
N LYS A 79 2.60 3.62 9.97
CA LYS A 79 3.93 3.19 10.38
C LYS A 79 4.85 4.40 10.21
N LYS A 80 4.90 4.91 8.99
CA LYS A 80 5.73 6.06 8.67
C LYS A 80 5.53 7.19 9.66
N ALA A 81 4.28 7.61 9.82
CA ALA A 81 3.96 8.69 10.73
C ALA A 81 4.47 8.46 12.16
N ALA A 82 4.28 7.26 12.68
CA ALA A 82 4.73 6.95 14.02
C ALA A 82 6.24 6.70 14.05
N GLY A 83 6.86 6.80 12.88
CA GLY A 83 8.29 6.59 12.77
C GLY A 83 8.73 5.17 13.11
N ILE A 84 7.80 4.22 13.12
CA ILE A 84 8.14 2.85 13.43
C ILE A 84 8.28 2.01 12.16
N GLU A 85 8.75 0.78 12.32
CA GLU A 85 8.95 -0.13 11.19
C GLU A 85 7.91 -1.25 11.12
N LYS A 86 7.31 -1.58 12.26
CA LYS A 86 6.31 -2.64 12.29
C LYS A 86 5.18 -2.27 13.24
N GLY A 87 4.06 -2.96 13.11
CA GLY A 87 2.94 -2.71 13.98
C GLY A 87 3.08 -3.60 15.19
N SER A 88 2.39 -3.27 16.28
CA SER A 88 2.48 -4.08 17.48
C SER A 88 2.21 -5.53 17.11
N SER A 89 2.80 -6.46 17.85
CA SER A 89 2.58 -7.88 17.60
C SER A 89 1.28 -8.23 18.30
N GLU A 90 0.88 -7.35 19.22
CA GLU A 90 -0.34 -7.54 19.98
C GLU A 90 -0.99 -6.16 20.14
N PRO A 91 -1.75 -5.73 19.12
CA PRO A 91 -2.43 -4.43 19.11
C PRO A 91 -3.26 -4.22 20.37
N LYS A 92 -3.25 -2.98 20.86
CA LYS A 92 -3.98 -2.60 22.06
C LYS A 92 -3.29 -3.11 23.33
N ARG A 93 -2.82 -4.36 23.30
CA ARG A 93 -2.15 -4.93 24.46
C ARG A 93 -0.77 -4.31 24.60
N LYS A 94 -0.16 -3.95 23.46
CA LYS A 94 1.17 -3.34 23.48
C LYS A 94 1.25 -2.24 22.45
N ILE A 95 1.43 -1.00 22.91
CA ILE A 95 1.53 0.11 21.99
C ILE A 95 2.99 0.23 21.56
N VAL A 96 3.22 0.28 20.25
CA VAL A 96 4.58 0.37 19.74
C VAL A 96 4.91 1.72 19.15
N GLY A 97 3.91 2.61 19.16
CA GLY A 97 4.11 3.94 18.61
C GLY A 97 2.91 4.84 18.83
N LYS A 98 3.00 6.06 18.31
CA LYS A 98 1.91 6.99 18.46
C LYS A 98 1.96 8.11 17.43
N VAL A 99 0.80 8.71 17.18
CA VAL A 99 0.70 9.79 16.22
C VAL A 99 -0.28 10.84 16.73
N THR A 100 -0.06 12.07 16.32
CA THR A 100 -0.92 13.17 16.73
C THR A 100 -2.21 13.17 15.94
N ARG A 101 -3.24 13.79 16.50
CA ARG A 101 -4.54 13.87 15.84
C ARG A 101 -4.38 14.56 14.49
N LYS A 102 -3.45 15.49 14.40
CA LYS A 102 -3.21 16.20 13.16
C LYS A 102 -2.67 15.23 12.13
N GLN A 103 -1.83 14.30 12.57
CA GLN A 103 -1.25 13.30 11.68
C GLN A 103 -2.34 12.42 11.10
N ILE A 104 -3.31 12.06 11.92
CA ILE A 104 -4.42 11.24 11.45
C ILE A 104 -5.08 12.03 10.34
N GLU A 105 -5.22 13.34 10.56
CA GLU A 105 -5.83 14.25 9.59
C GLU A 105 -5.05 14.21 8.28
N GLU A 106 -3.72 14.22 8.36
CA GLU A 106 -2.88 14.20 7.17
C GLU A 106 -3.09 12.94 6.36
N ILE A 107 -3.01 11.80 7.04
CA ILE A 107 -3.17 10.51 6.40
C ILE A 107 -4.57 10.40 5.80
N ALA A 108 -5.58 10.76 6.58
CA ALA A 108 -6.96 10.70 6.09
C ALA A 108 -7.06 11.55 4.83
N LYS A 109 -6.37 12.68 4.81
CA LYS A 109 -6.41 13.56 3.65
C LYS A 109 -5.70 12.91 2.48
N THR A 110 -4.56 12.29 2.77
CA THR A 110 -3.76 11.63 1.75
C THR A 110 -4.51 10.49 1.08
N LYS A 111 -5.18 9.66 1.89
CA LYS A 111 -5.92 8.52 1.40
C LYS A 111 -7.34 8.83 0.96
N MET A 112 -7.76 10.08 1.10
CA MET A 112 -9.11 10.49 0.74
C MET A 112 -9.61 9.98 -0.62
N PRO A 113 -8.78 10.09 -1.68
CA PRO A 113 -9.25 9.60 -2.97
C PRO A 113 -9.70 8.14 -2.92
N ASP A 114 -9.09 7.37 -2.03
CA ASP A 114 -9.44 5.96 -1.90
C ASP A 114 -10.40 5.68 -0.75
N LEU A 115 -10.74 6.71 0.01
CA LEU A 115 -11.66 6.57 1.14
C LEU A 115 -13.08 6.91 0.67
N ASN A 116 -14.07 6.37 1.36
CA ASN A 116 -15.46 6.63 1.00
C ASN A 116 -16.19 7.49 2.03
N ALA A 117 -15.42 8.23 2.83
CA ALA A 117 -16.01 9.09 3.86
C ALA A 117 -16.53 10.38 3.23
N ASN A 118 -17.67 10.84 3.73
CA ASN A 118 -18.28 12.07 3.21
C ASN A 118 -17.77 13.31 3.93
N SER A 119 -16.92 13.11 4.94
CA SER A 119 -16.37 14.22 5.70
C SER A 119 -14.98 13.89 6.20
N LEU A 120 -14.15 14.92 6.36
CA LEU A 120 -12.79 14.72 6.85
C LEU A 120 -12.83 14.01 8.19
N GLU A 121 -13.90 14.25 8.95
CA GLU A 121 -14.05 13.63 10.26
C GLU A 121 -14.21 12.13 10.10
N ALA A 122 -15.08 11.72 9.19
CA ALA A 122 -15.32 10.31 8.94
C ALA A 122 -14.03 9.67 8.43
N ALA A 123 -13.29 10.40 7.62
CA ALA A 123 -12.03 9.90 7.07
C ALA A 123 -11.04 9.58 8.17
N MET A 124 -10.93 10.50 9.12
CA MET A 124 -10.01 10.33 10.25
C MET A 124 -10.46 9.17 11.12
N LYS A 125 -11.77 9.00 11.25
CA LYS A 125 -12.31 7.92 12.04
C LYS A 125 -11.90 6.60 11.40
N ILE A 126 -11.84 6.59 10.07
CA ILE A 126 -11.45 5.40 9.35
C ILE A 126 -9.98 5.10 9.63
N ILE A 127 -9.13 6.10 9.43
CA ILE A 127 -7.71 5.94 9.68
C ILE A 127 -7.43 5.50 11.12
N GLU A 128 -8.15 6.09 12.07
CA GLU A 128 -7.96 5.74 13.48
C GLU A 128 -8.27 4.29 13.71
N GLY A 129 -9.22 3.75 12.95
CA GLY A 129 -9.58 2.36 13.11
C GLY A 129 -8.40 1.47 12.78
N THR A 130 -7.62 1.88 11.79
CA THR A 130 -6.45 1.12 11.36
C THR A 130 -5.33 1.25 12.39
N ALA A 131 -5.10 2.46 12.87
CA ALA A 131 -4.08 2.71 13.87
C ALA A 131 -4.36 1.87 15.11
N LYS A 132 -5.62 1.81 15.50
CA LYS A 132 -6.04 1.04 16.67
C LYS A 132 -5.75 -0.43 16.48
N SER A 133 -5.64 -0.84 15.22
CA SER A 133 -5.39 -2.25 14.91
C SER A 133 -3.91 -2.62 14.85
N MET A 134 -3.03 -1.63 14.87
CA MET A 134 -1.61 -1.90 14.79
C MET A 134 -0.82 -1.37 15.97
N GLY A 135 -1.49 -1.20 17.11
CA GLY A 135 -0.81 -0.70 18.29
C GLY A 135 -0.21 0.69 18.15
N ILE A 136 -0.89 1.58 17.45
CA ILE A 136 -0.42 2.95 17.29
C ILE A 136 -1.47 3.83 17.95
N GLU A 137 -1.03 4.63 18.93
CA GLU A 137 -1.92 5.50 19.67
C GLU A 137 -2.00 6.89 19.06
N VAL A 138 -3.06 7.62 19.41
CA VAL A 138 -3.27 8.97 18.92
C VAL A 138 -3.21 9.97 20.07
N VAL A 139 -2.47 11.06 19.88
CA VAL A 139 -2.33 12.08 20.91
C VAL A 139 -2.45 13.50 20.34
N ILE B 2 10.78 -24.01 0.62
CA ILE B 2 12.12 -23.73 0.06
C ILE B 2 12.25 -24.22 -1.36
N ALA B 3 11.21 -25.00 -1.80
CA ALA B 3 11.14 -25.45 -3.16
C ALA B 3 9.69 -26.08 -3.29
N ALA B 5 6.75 -26.43 -7.11
CA ALA B 5 6.40 -25.73 -8.34
C ALA B 5 5.00 -25.12 -8.09
N SER B 6 4.96 -23.75 -8.22
CA SER B 6 3.68 -23.00 -7.96
C SER B 6 3.36 -22.98 -6.54
N THR B 8 4.38 -20.55 -3.46
CA THR B 8 4.93 -19.73 -2.43
C THR B 8 4.83 -18.29 -2.87
N THR B 13 9.45 -19.95 -6.54
CA THR B 13 8.72 -20.91 -7.33
C THR B 13 7.22 -20.60 -7.39
#